data_6RUH
#
_entry.id   6RUH
#
_cell.length_a   67.960
_cell.length_b   67.960
_cell.length_c   102.670
_cell.angle_alpha   90.00
_cell.angle_beta   90.00
_cell.angle_gamma   90.00
#
_symmetry.space_group_name_H-M   'P 43 21 2'
#
loop_
_entity.id
_entity.type
_entity.pdbx_description
1 polymer 'Proteinase K'
2 non-polymer 'Ni-substituted alpha-Keggin'
3 non-polymer 'SULFATE ION'
4 water water
#
_entity_poly.entity_id   1
_entity_poly.type   'polypeptide(L)'
_entity_poly.pdbx_seq_one_letter_code
;AAQTNAPWGLARISSTSPGTSTYYYDESAGQGSCVYVIDTGIEASHPEFEGRAQMVKTYYYSSRDGNGHGTHCAGTVGSR
TYGVAKKTQLFGVKVLDDNGSGQYSTIIAGMDFVASDKNNRNCPKGVVASLSLGGGYSSSVNSAAARLQSSGVMVAVAAG
NNNADARNYSPASEPSVCTVGASDRYDRRSSFSNYGSVLDIFGPGTDILSTWIGGSTRSISGTSMATPHVAGLAAYLMTL
GKTTAASACRYIADTANKGDLSNIPFGTVNLLAYNNYQA
;
_entity_poly.pdbx_strand_id   A
#
loop_
_chem_comp.id
_chem_comp.type
_chem_comp.name
_chem_comp.formula
SO4 non-polymer 'SULFATE ION' 'O4 S -2'
WNI non-polymer 'Ni-substituted alpha-Keggin' 'Ni O39 P W11'
#
# COMPACT_ATOMS: atom_id res chain seq x y z
N ALA A 1 -14.00 -9.55 13.69
CA ALA A 1 -12.82 -9.93 14.52
C ALA A 1 -12.22 -8.67 15.11
N ALA A 2 -11.55 -8.82 16.25
CA ALA A 2 -10.93 -7.71 16.96
C ALA A 2 -9.50 -8.08 17.34
N GLN A 3 -8.56 -7.19 17.03
CA GLN A 3 -7.17 -7.33 17.43
C GLN A 3 -6.89 -6.21 18.42
N THR A 4 -6.70 -6.55 19.69
CA THR A 4 -6.41 -5.52 20.69
C THR A 4 -4.96 -5.08 20.60
N ASN A 5 -4.72 -3.86 21.11
CA ASN A 5 -3.38 -3.25 21.10
C ASN A 5 -2.73 -3.34 19.73
N ALA A 6 -3.50 -3.00 18.73
CA ALA A 6 -3.04 -2.98 17.35
C ALA A 6 -2.22 -1.72 17.10
N PRO A 7 -1.37 -1.72 16.08
CA PRO A 7 -0.75 -0.46 15.65
C PRO A 7 -1.84 0.58 15.39
N TRP A 8 -1.53 1.85 15.68
CA TRP A 8 -2.56 2.88 15.62
C TRP A 8 -3.19 2.94 14.25
N GLY A 9 -2.41 2.72 13.19
CA GLY A 9 -2.94 2.85 11.84
C GLY A 9 -3.97 1.79 11.49
N LEU A 10 -3.78 0.57 11.99
CA LEU A 10 -4.81 -0.44 11.81
C LEU A 10 -6.07 -0.05 12.56
N ALA A 11 -5.95 0.36 13.82
CA ALA A 11 -7.12 0.84 14.55
C ALA A 11 -7.79 1.99 13.82
N ARG A 12 -7.00 2.88 13.22
CA ARG A 12 -7.59 4.04 12.57
C ARG A 12 -8.42 3.65 11.36
N ILE A 13 -7.96 2.66 10.59
CA ILE A 13 -8.66 2.26 9.38
C ILE A 13 -9.99 1.62 9.65
N SER A 14 -10.24 1.13 10.87
CA SER A 14 -11.54 0.56 11.21
C SER A 14 -12.34 1.42 12.18
N SER A 15 -12.02 2.72 12.28
CA SER A 15 -12.67 3.58 13.24
C SER A 15 -13.18 4.86 12.58
N THR A 16 -14.30 5.35 13.12
CA THR A 16 -14.77 6.69 12.79
C THR A 16 -14.05 7.78 13.58
N SER A 17 -13.17 7.43 14.51
CA SER A 17 -12.47 8.41 15.33
C SER A 17 -11.01 8.03 15.54
N PRO A 18 -10.14 9.03 15.69
CA PRO A 18 -8.78 8.76 16.13
C PRO A 18 -8.75 8.41 17.61
N GLY A 19 -7.61 7.88 18.06
CA GLY A 19 -7.39 7.68 19.47
C GLY A 19 -7.87 6.37 20.03
N THR A 20 -8.07 5.36 19.19
CA THR A 20 -8.41 4.02 19.68
C THR A 20 -7.30 3.06 19.26
N SER A 21 -7.33 1.87 19.82
CA SER A 21 -6.21 0.95 19.69
C SER A 21 -6.59 -0.48 19.34
N THR A 22 -7.84 -0.73 18.94
CA THR A 22 -8.27 -2.06 18.55
C THR A 22 -8.62 -2.00 17.08
N TYR A 23 -8.14 -2.97 16.31
CA TYR A 23 -8.46 -3.09 14.89
C TYR A 23 -9.58 -4.09 14.72
N TYR A 24 -10.65 -3.68 14.04
CA TYR A 24 -11.82 -4.52 13.82
C TYR A 24 -11.94 -4.82 12.33
N TYR A 25 -12.15 -6.07 11.98
CA TYR A 25 -12.14 -6.47 10.58
C TYR A 25 -12.89 -7.78 10.42
N ASP A 26 -13.46 -7.99 9.23
CA ASP A 26 -14.09 -9.26 8.92
C ASP A 26 -13.02 -10.36 8.85
N GLU A 27 -13.32 -11.50 9.47
CA GLU A 27 -12.32 -12.58 9.58
C GLU A 27 -11.85 -13.13 8.23
N SER A 28 -12.59 -12.89 7.15
CA SER A 28 -12.12 -13.33 5.84
C SER A 28 -10.73 -12.76 5.54
N ALA A 29 -10.45 -11.53 5.98
CA ALA A 29 -9.08 -11.01 6.08
C ALA A 29 -8.32 -11.03 4.76
N GLY A 30 -9.00 -10.80 3.63
CA GLY A 30 -8.31 -10.82 2.35
C GLY A 30 -7.94 -12.19 1.81
N GLN A 31 -8.46 -13.28 2.40
CA GLN A 31 -8.17 -14.60 1.87
C GLN A 31 -8.63 -14.70 0.41
N GLY A 32 -7.80 -15.31 -0.43
CA GLY A 32 -8.14 -15.46 -1.83
C GLY A 32 -7.75 -14.28 -2.71
N SER A 33 -7.25 -13.22 -2.12
CA SER A 33 -6.69 -12.09 -2.84
C SER A 33 -5.18 -12.20 -2.86
N CYS A 34 -4.56 -11.36 -3.69
CA CYS A 34 -3.11 -11.30 -3.75
C CYS A 34 -2.66 -9.86 -3.83
N VAL A 35 -1.56 -9.54 -3.15
CA VAL A 35 -0.97 -8.22 -3.21
C VAL A 35 0.50 -8.34 -3.59
N TYR A 36 0.88 -7.67 -4.68
CA TYR A 36 2.26 -7.56 -5.08
C TYR A 36 2.86 -6.34 -4.40
N VAL A 37 4.00 -6.53 -3.76
CA VAL A 37 4.71 -5.46 -3.09
C VAL A 37 5.96 -5.20 -3.94
N ILE A 38 5.97 -4.08 -4.67
CA ILE A 38 6.98 -3.79 -5.68
C ILE A 38 7.96 -2.83 -5.00
N ASP A 39 9.12 -3.34 -4.59
CA ASP A 39 9.91 -2.64 -3.57
C ASP A 39 11.31 -3.25 -3.48
N THR A 40 11.89 -3.27 -2.28
CA THR A 40 13.23 -3.82 -2.06
C THR A 40 13.23 -5.32 -1.81
N GLY A 41 12.10 -5.97 -1.93
CA GLY A 41 11.97 -7.39 -1.62
C GLY A 41 11.17 -7.58 -0.34
N ILE A 42 11.04 -8.84 0.06
CA ILE A 42 10.36 -9.23 1.30
C ILE A 42 11.16 -10.33 1.97
N GLU A 43 11.42 -10.20 3.27
CA GLU A 43 12.02 -11.28 4.07
C GLU A 43 10.90 -12.25 4.39
N ALA A 44 10.65 -13.17 3.45
CA ALA A 44 9.47 -14.01 3.49
C ALA A 44 9.50 -15.01 4.63
N SER A 45 10.67 -15.31 5.18
CA SER A 45 10.74 -16.22 6.32
C SER A 45 10.33 -15.57 7.62
N HIS A 46 10.03 -14.27 7.65
CA HIS A 46 9.64 -13.65 8.91
C HIS A 46 8.43 -14.39 9.46
N PRO A 47 8.42 -14.77 10.74
CA PRO A 47 7.25 -15.47 11.28
C PRO A 47 5.94 -14.73 11.08
N GLU A 48 6.00 -13.41 11.01
CA GLU A 48 4.80 -12.60 10.82
C GLU A 48 4.10 -12.88 9.50
N PHE A 49 4.79 -13.44 8.49
CA PHE A 49 4.15 -13.70 7.21
C PHE A 49 3.52 -15.09 7.13
N GLU A 50 3.88 -16.01 8.02
CA GLU A 50 3.16 -17.29 8.15
C GLU A 50 3.17 -18.11 6.88
N GLY A 51 4.20 -18.00 6.07
CA GLY A 51 4.24 -18.74 4.82
C GLY A 51 3.45 -18.14 3.68
N ARG A 52 2.81 -16.99 3.88
CA ARG A 52 1.95 -16.38 2.89
C ARG A 52 2.70 -15.41 1.99
N ALA A 53 3.98 -15.16 2.22
CA ALA A 53 4.78 -14.30 1.38
C ALA A 53 5.76 -15.12 0.55
N GLN A 54 6.05 -14.63 -0.64
CA GLN A 54 7.07 -15.23 -1.47
C GLN A 54 7.60 -14.19 -2.45
N MET A 55 8.85 -14.34 -2.81
CA MET A 55 9.42 -13.53 -3.87
C MET A 55 9.11 -14.17 -5.21
N VAL A 56 8.70 -13.35 -6.16
CA VAL A 56 8.43 -13.82 -7.52
C VAL A 56 9.36 -13.24 -8.57
N LYS A 57 10.11 -12.18 -8.27
CA LYS A 57 10.95 -11.56 -9.29
C LYS A 57 11.96 -10.67 -8.60
N THR A 58 13.17 -10.67 -9.13
CA THR A 58 14.17 -9.66 -8.80
C THR A 58 14.85 -9.23 -10.09
N TYR A 59 15.43 -8.02 -10.07
CA TYR A 59 16.26 -7.49 -11.15
C TYR A 59 17.70 -7.33 -10.72
N TYR A 60 18.06 -7.87 -9.56
CA TYR A 60 19.36 -7.74 -8.94
C TYR A 60 19.94 -9.13 -8.66
N TYR A 61 21.16 -9.15 -8.10
CA TYR A 61 21.85 -10.42 -7.90
C TYR A 61 21.14 -11.31 -6.90
N SER A 62 20.27 -10.76 -6.06
CA SER A 62 19.54 -11.53 -5.06
C SER A 62 18.10 -11.05 -5.00
N SER A 63 17.23 -11.91 -4.49
CA SER A 63 15.86 -11.55 -4.13
C SER A 63 15.72 -11.17 -2.67
N ARG A 64 16.79 -11.25 -1.90
CA ARG A 64 16.77 -10.88 -0.49
C ARG A 64 16.48 -9.40 -0.32
N ASP A 65 15.62 -9.08 0.66
CA ASP A 65 15.48 -7.69 1.12
C ASP A 65 16.66 -7.38 2.04
N GLY A 66 17.67 -6.72 1.51
CA GLY A 66 18.78 -6.24 2.31
C GLY A 66 18.60 -4.85 2.86
N ASN A 67 17.42 -4.28 2.73
CA ASN A 67 17.14 -2.93 3.20
C ASN A 67 16.17 -2.91 4.37
N GLY A 68 15.00 -3.53 4.22
CA GLY A 68 13.95 -3.51 5.23
C GLY A 68 12.68 -2.84 4.74
N HIS A 69 12.80 -1.86 3.85
CA HIS A 69 11.64 -1.07 3.41
C HIS A 69 10.55 -1.94 2.83
N GLY A 70 10.89 -2.86 1.93
CA GLY A 70 9.89 -3.72 1.33
C GLY A 70 9.25 -4.68 2.32
N THR A 71 10.04 -5.20 3.26
CA THR A 71 9.50 -6.04 4.32
C THR A 71 8.53 -5.27 5.19
N HIS A 72 8.84 -4.01 5.50
CA HIS A 72 7.97 -3.19 6.32
C HIS A 72 6.64 -2.95 5.60
N CYS A 73 6.72 -2.55 4.34
CA CYS A 73 5.50 -2.34 3.56
C CYS A 73 4.67 -3.61 3.43
N ALA A 74 5.31 -4.74 3.13
CA ALA A 74 4.58 -6.00 3.04
C ALA A 74 3.91 -6.33 4.37
N GLY A 75 4.58 -6.03 5.48
CA GLY A 75 3.98 -6.26 6.77
C GLY A 75 2.71 -5.47 7.00
N THR A 76 2.67 -4.23 6.52
CA THR A 76 1.47 -3.42 6.69
C THR A 76 0.34 -3.93 5.80
N VAL A 77 0.69 -4.50 4.63
CA VAL A 77 -0.35 -5.10 3.80
C VAL A 77 -0.95 -6.30 4.51
N GLY A 78 -0.10 -7.22 4.96
CA GLY A 78 -0.55 -8.56 5.23
C GLY A 78 0.09 -9.38 6.32
N SER A 79 0.92 -8.79 7.17
CA SER A 79 1.45 -9.59 8.27
C SER A 79 0.35 -9.89 9.31
N ARG A 80 0.57 -10.93 10.11
CA ARG A 80 -0.43 -11.34 11.08
C ARG A 80 -0.72 -10.25 12.11
N THR A 81 0.32 -9.59 12.64
CA THR A 81 0.11 -8.58 13.66
C THR A 81 -0.01 -7.18 13.08
N TYR A 82 0.79 -6.86 12.06
CA TYR A 82 0.90 -5.48 11.60
C TYR A 82 0.11 -5.19 10.34
N GLY A 83 -0.59 -6.20 9.80
CA GLY A 83 -1.21 -6.09 8.50
C GLY A 83 -2.70 -5.83 8.50
N VAL A 84 -3.13 -5.16 7.44
CA VAL A 84 -4.55 -4.90 7.21
C VAL A 84 -5.29 -6.16 6.79
N ALA A 85 -4.73 -6.92 5.85
CA ALA A 85 -5.36 -8.09 5.20
C ALA A 85 -4.55 -9.31 5.61
N LYS A 86 -4.91 -9.89 6.75
CA LYS A 86 -4.06 -10.83 7.46
C LYS A 86 -4.03 -12.21 6.83
N LYS A 87 -4.83 -12.46 5.80
CA LYS A 87 -4.83 -13.75 5.10
C LYS A 87 -4.55 -13.60 3.61
N THR A 88 -4.14 -12.44 3.14
CA THR A 88 -3.81 -12.28 1.73
C THR A 88 -2.50 -13.02 1.41
N GLN A 89 -2.32 -13.29 0.12
CA GLN A 89 -1.06 -13.80 -0.40
C GLN A 89 -0.20 -12.62 -0.85
N LEU A 90 1.07 -12.61 -0.42
CA LEU A 90 1.99 -11.52 -0.71
C LEU A 90 3.04 -11.98 -1.70
N PHE A 91 3.26 -11.18 -2.74
CA PHE A 91 4.25 -11.50 -3.77
C PHE A 91 5.25 -10.35 -3.86
N GLY A 92 6.52 -10.63 -3.66
CA GLY A 92 7.54 -9.61 -3.73
C GLY A 92 8.19 -9.48 -5.10
N VAL A 93 8.30 -8.25 -5.58
CA VAL A 93 8.97 -7.91 -6.83
C VAL A 93 10.05 -6.91 -6.47
N LYS A 94 11.30 -7.33 -6.56
CA LYS A 94 12.43 -6.50 -6.12
C LYS A 94 12.91 -5.63 -7.29
N VAL A 95 12.34 -4.41 -7.36
CA VAL A 95 12.76 -3.41 -8.33
C VAL A 95 13.73 -2.40 -7.71
N LEU A 96 13.87 -2.39 -6.38
CA LEU A 96 14.74 -1.47 -5.68
C LEU A 96 15.90 -2.25 -5.06
N ASP A 97 17.08 -1.68 -5.16
CA ASP A 97 18.28 -2.30 -4.60
C ASP A 97 18.29 -2.15 -3.08
N ASP A 98 19.34 -2.67 -2.45
CA ASP A 98 19.36 -2.68 -0.99
C ASP A 98 19.61 -1.31 -0.38
N ASN A 99 19.92 -0.31 -1.18
CA ASN A 99 19.94 1.07 -0.72
C ASN A 99 18.61 1.78 -0.93
N GLY A 100 17.60 1.09 -1.44
CA GLY A 100 16.30 1.70 -1.66
C GLY A 100 16.13 2.39 -3.00
N SER A 101 17.10 2.28 -3.90
CA SER A 101 17.09 2.99 -5.16
C SER A 101 16.78 2.05 -6.32
N GLY A 102 16.24 2.58 -7.40
CA GLY A 102 16.04 1.80 -8.60
C GLY A 102 15.90 2.69 -9.82
N GLN A 103 16.40 2.20 -10.94
CA GLN A 103 16.22 2.90 -12.18
C GLN A 103 14.77 2.80 -12.64
N TYR A 104 14.29 3.88 -13.27
CA TYR A 104 12.92 3.87 -13.77
C TYR A 104 12.70 2.73 -14.78
N SER A 105 13.68 2.38 -15.59
CA SER A 105 13.48 1.28 -16.54
CA SER A 105 13.48 1.28 -16.54
CA SER A 105 13.48 1.28 -16.54
C SER A 105 13.24 -0.03 -15.83
N THR A 106 13.88 -0.26 -14.68
CA THR A 106 13.66 -1.46 -13.89
C THR A 106 12.29 -1.44 -13.23
N ILE A 107 11.91 -0.29 -12.69
CA ILE A 107 10.58 -0.15 -12.08
C ILE A 107 9.47 -0.41 -13.10
N ILE A 108 9.62 0.15 -14.31
CA ILE A 108 8.66 -0.10 -15.39
C ILE A 108 8.58 -1.59 -15.72
N ALA A 109 9.74 -2.24 -15.87
CA ALA A 109 9.74 -3.67 -16.14
C ALA A 109 9.02 -4.44 -15.04
N GLY A 110 9.20 -4.03 -13.79
CA GLY A 110 8.51 -4.68 -12.69
C GLY A 110 7.00 -4.53 -12.74
N MET A 111 6.51 -3.36 -13.13
CA MET A 111 5.07 -3.18 -13.26
C MET A 111 4.52 -4.04 -14.40
N ASP A 112 5.18 -4.05 -15.55
CA ASP A 112 4.71 -4.90 -16.63
C ASP A 112 4.81 -6.38 -16.24
N PHE A 113 5.81 -6.73 -15.42
CA PHE A 113 5.92 -8.09 -14.92
C PHE A 113 4.66 -8.48 -14.15
N VAL A 114 4.20 -7.62 -13.24
CA VAL A 114 3.03 -7.94 -12.43
C VAL A 114 1.79 -8.10 -13.31
N ALA A 115 1.63 -7.23 -14.31
CA ALA A 115 0.45 -7.31 -15.17
C ALA A 115 0.35 -8.67 -15.83
N SER A 116 1.48 -9.27 -16.18
CA SER A 116 1.47 -10.61 -16.76
C SER A 116 1.46 -11.70 -15.69
N ASP A 117 2.30 -11.54 -14.68
CA ASP A 117 2.52 -12.61 -13.71
C ASP A 117 1.26 -12.96 -12.93
N LYS A 118 0.32 -12.03 -12.79
CA LYS A 118 -0.90 -12.39 -12.09
C LYS A 118 -1.61 -13.57 -12.77
N ASN A 119 -1.38 -13.78 -14.06
CA ASN A 119 -1.95 -14.92 -14.77
C ASN A 119 -1.28 -16.23 -14.41
N ASN A 120 -0.20 -16.19 -13.64
CA ASN A 120 0.47 -17.37 -13.11
C ASN A 120 0.12 -17.63 -11.65
N ARG A 121 -0.79 -16.86 -11.06
CA ARG A 121 -1.09 -16.94 -9.64
C ARG A 121 -2.57 -17.19 -9.45
N ASN A 122 -2.92 -17.72 -8.28
CA ASN A 122 -4.30 -17.98 -7.91
C ASN A 122 -4.79 -16.89 -6.97
N CYS A 123 -5.61 -16.00 -7.53
CA CYS A 123 -6.09 -14.81 -6.84
C CYS A 123 -7.56 -14.63 -7.17
N PRO A 124 -8.40 -15.60 -6.79
CA PRO A 124 -9.80 -15.55 -7.24
C PRO A 124 -10.56 -14.33 -6.78
N LYS A 125 -10.15 -13.71 -5.68
CA LYS A 125 -10.82 -12.52 -5.20
C LYS A 125 -10.25 -11.23 -5.76
N GLY A 126 -9.12 -11.27 -6.45
CA GLY A 126 -8.57 -10.07 -7.06
C GLY A 126 -7.12 -9.83 -6.69
N VAL A 127 -6.54 -8.88 -7.41
CA VAL A 127 -5.11 -8.59 -7.38
C VAL A 127 -4.88 -7.11 -7.15
N VAL A 128 -3.92 -6.80 -6.27
CA VAL A 128 -3.53 -5.45 -5.91
C VAL A 128 -2.03 -5.35 -6.09
N ALA A 129 -1.54 -4.15 -6.38
CA ALA A 129 -0.12 -3.86 -6.37
C ALA A 129 0.12 -2.61 -5.54
N SER A 130 1.14 -2.68 -4.67
CA SER A 130 1.49 -1.60 -3.76
C SER A 130 2.87 -1.10 -4.16
N LEU A 131 2.95 0.19 -4.51
CA LEU A 131 4.15 0.85 -5.02
C LEU A 131 4.53 2.00 -4.08
N SER A 132 5.32 1.66 -3.07
CA SER A 132 5.86 2.65 -2.13
C SER A 132 7.19 3.16 -2.65
N LEU A 133 7.11 3.88 -3.77
CA LEU A 133 8.31 4.37 -4.46
C LEU A 133 7.89 5.48 -5.40
N GLY A 134 8.88 6.19 -5.92
CA GLY A 134 8.61 7.25 -6.86
C GLY A 134 9.79 8.16 -7.02
N GLY A 135 9.72 8.98 -8.06
CA GLY A 135 10.71 10.00 -8.35
C GLY A 135 10.05 11.15 -9.08
N GLY A 136 10.84 11.89 -9.85
CA GLY A 136 10.32 13.00 -10.62
C GLY A 136 9.39 12.54 -11.74
N TYR A 137 8.64 13.49 -12.28
CA TYR A 137 7.66 13.17 -13.29
C TYR A 137 8.28 12.43 -14.47
N SER A 138 7.63 11.34 -14.87
CA SER A 138 8.01 10.58 -16.04
C SER A 138 6.73 10.06 -16.69
N SER A 139 6.48 10.45 -17.94
CA SER A 139 5.32 9.92 -18.63
C SER A 139 5.41 8.41 -18.81
N SER A 140 6.62 7.87 -19.02
CA SER A 140 6.75 6.43 -19.20
C SER A 140 6.43 5.66 -17.92
N VAL A 141 6.87 6.16 -16.76
CA VAL A 141 6.52 5.53 -15.49
C VAL A 141 5.01 5.59 -15.28
N ASN A 142 4.41 6.76 -15.52
CA ASN A 142 2.97 6.86 -15.35
C ASN A 142 2.24 5.89 -16.27
N SER A 143 2.68 5.80 -17.53
CA SER A 143 2.03 4.89 -18.48
C SER A 143 2.14 3.43 -18.03
N ALA A 144 3.27 3.04 -17.45
CA ALA A 144 3.41 1.69 -16.94
C ALA A 144 2.42 1.44 -15.81
N ALA A 145 2.26 2.40 -14.91
CA ALA A 145 1.29 2.26 -13.83
C ALA A 145 -0.13 2.19 -14.39
N ALA A 146 -0.41 3.00 -15.39
CA ALA A 146 -1.72 2.95 -16.04
C ALA A 146 -1.96 1.60 -16.70
N ARG A 147 -0.95 1.02 -17.36
CA ARG A 147 -1.14 -0.30 -17.97
C ARG A 147 -1.43 -1.34 -16.90
N LEU A 148 -0.69 -1.29 -15.80
CA LEU A 148 -0.89 -2.27 -14.74
C LEU A 148 -2.32 -2.21 -14.21
N GLN A 149 -2.81 -0.99 -13.97
CA GLN A 149 -4.19 -0.82 -13.53
C GLN A 149 -5.16 -1.34 -14.59
N SER A 150 -4.96 -0.95 -15.85
CA SER A 150 -5.83 -1.39 -16.93
C SER A 150 -5.91 -2.91 -17.03
N SER A 151 -4.81 -3.59 -16.73
CA SER A 151 -4.75 -5.04 -16.83
C SER A 151 -5.59 -5.76 -15.80
N GLY A 152 -6.14 -5.05 -14.81
CA GLY A 152 -6.97 -5.67 -13.80
C GLY A 152 -6.34 -5.77 -12.44
N VAL A 153 -5.43 -4.86 -12.11
CA VAL A 153 -4.76 -4.82 -10.82
C VAL A 153 -5.09 -3.50 -10.17
N MET A 154 -5.52 -3.53 -8.90
CA MET A 154 -5.71 -2.29 -8.15
C MET A 154 -4.33 -1.75 -7.79
N VAL A 155 -3.94 -0.63 -8.39
CA VAL A 155 -2.62 -0.07 -8.17
C VAL A 155 -2.72 1.07 -7.16
N ALA A 156 -1.98 0.93 -6.07
CA ALA A 156 -1.86 1.95 -5.03
C ALA A 156 -0.43 2.45 -5.05
N VAL A 157 -0.24 3.77 -5.11
CA VAL A 157 1.08 4.38 -5.17
C VAL A 157 1.22 5.47 -4.13
N ALA A 158 2.45 5.64 -3.65
CA ALA A 158 2.75 6.66 -2.65
C ALA A 158 2.71 8.05 -3.30
N ALA A 159 2.16 9.02 -2.58
CA ALA A 159 2.12 10.37 -3.11
C ALA A 159 3.49 11.02 -3.16
N GLY A 160 4.38 10.63 -2.24
CA GLY A 160 5.70 11.19 -2.09
C GLY A 160 5.82 12.02 -0.83
N ASN A 161 7.07 12.27 -0.42
CA ASN A 161 7.39 12.84 0.88
C ASN A 161 8.08 14.19 0.77
N ASN A 162 7.65 15.01 -0.19
CA ASN A 162 8.26 16.29 -0.49
C ASN A 162 7.48 17.48 0.06
N ASN A 163 6.39 17.25 0.79
CA ASN A 163 5.50 18.32 1.21
C ASN A 163 5.21 19.27 0.06
N ALA A 164 4.84 18.69 -1.08
CA ALA A 164 4.66 19.43 -2.31
C ALA A 164 3.52 18.83 -3.11
N ASP A 165 3.17 19.49 -4.21
CA ASP A 165 2.12 18.96 -5.07
C ASP A 165 2.63 17.73 -5.80
N ALA A 166 1.89 16.62 -5.67
CA ALA A 166 2.28 15.35 -6.25
C ALA A 166 2.23 15.35 -7.78
N ARG A 167 1.71 16.40 -8.41
CA ARG A 167 1.68 16.46 -9.86
C ARG A 167 3.05 16.33 -10.49
N ASN A 168 4.11 16.63 -9.75
CA ASN A 168 5.47 16.64 -10.28
C ASN A 168 6.24 15.35 -9.99
N TYR A 169 5.55 14.29 -9.58
CA TYR A 169 6.19 13.05 -9.20
C TYR A 169 5.49 11.88 -9.87
N SER A 170 6.23 10.78 -10.07
CA SER A 170 5.69 9.61 -10.71
C SER A 170 6.08 8.35 -9.95
N PRO A 171 5.19 7.35 -9.89
CA PRO A 171 3.87 7.29 -10.52
C PRO A 171 2.73 8.02 -9.80
N ALA A 172 3.05 8.80 -8.77
CA ALA A 172 2.02 9.54 -8.01
C ALA A 172 1.07 10.31 -8.90
N SER A 173 1.59 10.95 -9.95
CA SER A 173 0.77 11.83 -10.78
C SER A 173 -0.05 11.11 -11.83
N GLU A 174 0.03 9.80 -11.94
CA GLU A 174 -0.81 9.10 -12.92
C GLU A 174 -2.27 9.14 -12.47
N PRO A 175 -3.19 9.68 -13.27
CA PRO A 175 -4.56 9.81 -12.78
C PRO A 175 -5.27 8.52 -12.50
N SER A 176 -4.97 7.45 -13.23
CA SER A 176 -5.81 6.26 -13.20
C SER A 176 -5.49 5.29 -12.07
N VAL A 177 -4.43 5.54 -11.31
CA VAL A 177 -4.08 4.70 -10.16
C VAL A 177 -4.50 5.41 -8.87
N CYS A 178 -4.32 4.76 -7.73
CA CYS A 178 -4.78 5.30 -6.46
C CYS A 178 -3.59 5.92 -5.74
N THR A 179 -3.55 7.25 -5.69
CA THR A 179 -2.42 7.97 -5.11
C THR A 179 -2.72 8.29 -3.65
N VAL A 180 -1.80 7.88 -2.77
CA VAL A 180 -2.06 7.81 -1.34
C VAL A 180 -1.17 8.80 -0.58
N GLY A 181 -1.80 9.77 0.10
CA GLY A 181 -1.12 10.61 1.06
C GLY A 181 -1.06 9.99 2.45
N ALA A 182 -0.31 10.65 3.34
CA ALA A 182 -0.09 10.15 4.70
C ALA A 182 -0.69 11.07 5.76
N SER A 183 -1.25 10.46 6.81
CA SER A 183 -1.73 11.15 7.99
C SER A 183 -1.05 10.61 9.24
N ASP A 184 -1.21 11.35 10.34
CA ASP A 184 -0.68 10.97 11.64
C ASP A 184 -1.80 10.59 12.60
N ARG A 185 -1.38 10.17 13.81
CA ARG A 185 -2.32 9.57 14.76
C ARG A 185 -3.32 10.57 15.32
N TYR A 186 -3.09 11.86 15.10
CA TYR A 186 -4.00 12.91 15.51
C TYR A 186 -4.81 13.44 14.33
N ASP A 187 -4.85 12.69 13.24
CA ASP A 187 -5.63 13.06 12.06
C ASP A 187 -5.14 14.37 11.45
N ARG A 188 -3.83 14.62 11.53
CA ARG A 188 -3.20 15.71 10.79
C ARG A 188 -2.55 15.14 9.53
N ARG A 189 -2.57 15.89 8.43
CA ARG A 189 -1.71 15.53 7.32
C ARG A 189 -0.27 15.36 7.83
N SER A 190 0.38 14.26 7.46
CA SER A 190 1.76 14.09 7.87
C SER A 190 2.60 15.23 7.31
N SER A 191 3.60 15.67 8.08
CA SER A 191 4.31 16.90 7.74
C SER A 191 5.01 16.82 6.40
N PHE A 192 5.44 15.62 6.01
CA PHE A 192 6.16 15.37 4.76
C PHE A 192 5.24 15.02 3.60
N SER A 193 3.96 14.80 3.84
CA SER A 193 3.14 14.20 2.78
C SER A 193 2.93 15.17 1.63
N ASN A 194 3.12 14.68 0.41
CA ASN A 194 2.66 15.43 -0.74
C ASN A 194 1.14 15.54 -0.72
N TYR A 195 0.63 16.43 -1.56
CA TYR A 195 -0.78 16.80 -1.61
C TYR A 195 -1.12 17.16 -3.06
N GLY A 196 -2.32 17.69 -3.27
CA GLY A 196 -2.74 18.13 -4.58
C GLY A 196 -3.94 17.34 -5.10
N SER A 197 -4.44 17.81 -6.24
CA SER A 197 -5.65 17.26 -6.85
C SER A 197 -5.50 15.79 -7.23
N VAL A 198 -4.28 15.33 -7.50
CA VAL A 198 -4.10 13.96 -7.95
C VAL A 198 -4.21 12.95 -6.81
N LEU A 199 -4.13 13.38 -5.55
CA LEU A 199 -4.35 12.42 -4.46
C LEU A 199 -5.78 11.93 -4.47
N ASP A 200 -5.94 10.64 -4.20
CA ASP A 200 -7.25 10.02 -4.09
C ASP A 200 -7.70 9.79 -2.67
N ILE A 201 -6.73 9.62 -1.73
CA ILE A 201 -7.03 9.09 -0.40
C ILE A 201 -5.81 9.34 0.48
N PHE A 202 -6.04 9.40 1.79
CA PHE A 202 -4.99 9.35 2.79
C PHE A 202 -5.06 8.05 3.59
N GLY A 203 -3.90 7.60 4.04
CA GLY A 203 -3.83 6.53 5.00
C GLY A 203 -2.79 6.83 6.05
N PRO A 204 -2.80 6.05 7.14
CA PRO A 204 -1.82 6.26 8.22
C PRO A 204 -0.39 6.14 7.70
N GLY A 205 0.44 7.15 8.00
CA GLY A 205 1.80 7.15 7.52
C GLY A 205 2.87 7.65 8.47
N THR A 206 2.52 8.22 9.61
CA THR A 206 3.50 8.67 10.59
C THR A 206 3.58 7.68 11.74
N ASP A 207 4.78 7.16 11.97
CA ASP A 207 5.05 6.27 13.10
C ASP A 207 4.25 4.93 12.98
N ILE A 208 4.55 4.21 11.90
CA ILE A 208 3.87 2.97 11.57
C ILE A 208 4.77 1.79 11.94
N LEU A 209 4.32 0.99 12.90
CA LEU A 209 5.01 -0.22 13.30
C LEU A 209 4.71 -1.36 12.34
N SER A 210 5.76 -2.03 11.89
CA SER A 210 5.62 -3.19 11.02
C SER A 210 6.88 -4.05 11.11
N THR A 211 6.89 -5.09 10.29
CA THR A 211 8.00 -6.03 10.17
C THR A 211 9.24 -5.35 9.61
N TRP A 212 10.40 -5.91 9.98
CA TRP A 212 11.69 -5.47 9.47
C TRP A 212 12.55 -6.70 9.28
N ILE A 213 13.65 -6.51 8.56
CA ILE A 213 14.56 -7.60 8.28
C ILE A 213 15.26 -8.07 9.55
N GLY A 214 15.84 -9.26 9.47
CA GLY A 214 16.37 -9.90 10.65
C GLY A 214 15.31 -10.38 11.61
N GLY A 215 14.11 -10.65 11.12
CA GLY A 215 13.04 -11.13 11.98
C GLY A 215 12.59 -10.13 13.03
N SER A 216 12.71 -8.85 12.73
CA SER A 216 12.50 -7.79 13.71
CA SER A 216 12.49 -7.79 13.71
C SER A 216 11.27 -6.97 13.37
N THR A 217 11.10 -5.85 14.08
CA THR A 217 10.04 -4.89 13.82
C THR A 217 10.61 -3.49 14.06
N ARG A 218 10.01 -2.50 13.41
CA ARG A 218 10.31 -1.12 13.74
C ARG A 218 9.21 -0.21 13.22
N SER A 219 9.23 1.00 13.73
CA SER A 219 8.29 2.05 13.36
C SER A 219 9.01 3.07 12.51
N ILE A 220 8.47 3.33 11.31
CA ILE A 220 8.99 4.35 10.40
C ILE A 220 7.83 5.12 9.81
N SER A 221 8.15 6.22 9.14
CA SER A 221 7.16 7.14 8.59
C SER A 221 7.37 7.39 7.11
N GLY A 222 6.25 7.62 6.41
CA GLY A 222 6.33 8.00 5.02
C GLY A 222 5.01 7.73 4.32
N THR A 223 4.85 8.36 3.15
CA THR A 223 3.75 7.94 2.28
C THR A 223 3.94 6.49 1.83
N SER A 224 5.17 5.95 1.91
CA SER A 224 5.44 4.54 1.70
C SER A 224 4.70 3.65 2.70
N MET A 225 4.42 4.15 3.89
CA MET A 225 3.72 3.41 4.94
C MET A 225 2.21 3.53 4.79
N ALA A 226 1.74 4.66 4.25
CA ALA A 226 0.31 4.87 4.03
C ALA A 226 -0.17 3.98 2.89
N THR A 227 0.62 3.88 1.81
CA THR A 227 0.24 3.13 0.61
C THR A 227 -0.17 1.69 0.89
N PRO A 228 0.61 0.91 1.64
CA PRO A 228 0.20 -0.47 1.92
C PRO A 228 -1.02 -0.59 2.80
N HIS A 229 -1.36 0.43 3.60
CA HIS A 229 -2.65 0.37 4.30
C HIS A 229 -3.79 0.35 3.27
N VAL A 230 -3.70 1.20 2.24
CA VAL A 230 -4.71 1.25 1.20
C VAL A 230 -4.68 -0.02 0.35
N ALA A 231 -3.49 -0.51 -0.01
CA ALA A 231 -3.40 -1.74 -0.77
C ALA A 231 -4.04 -2.91 -0.02
N GLY A 232 -3.71 -3.05 1.26
CA GLY A 232 -4.31 -4.10 2.06
C GLY A 232 -5.81 -3.93 2.21
N LEU A 233 -6.26 -2.68 2.36
CA LEU A 233 -7.70 -2.43 2.45
C LEU A 233 -8.39 -2.86 1.17
N ALA A 234 -7.81 -2.55 0.02
CA ALA A 234 -8.42 -2.97 -1.24
C ALA A 234 -8.53 -4.49 -1.31
N ALA A 235 -7.47 -5.21 -0.92
CA ALA A 235 -7.51 -6.65 -0.97
C ALA A 235 -8.61 -7.19 -0.07
N TYR A 236 -8.71 -6.63 1.13
CA TYR A 236 -9.74 -6.99 2.09
C TYR A 236 -11.14 -6.77 1.52
N LEU A 237 -11.38 -5.61 0.91
CA LEU A 237 -12.70 -5.30 0.36
C LEU A 237 -13.03 -6.16 -0.85
N MET A 238 -12.03 -6.49 -1.66
CA MET A 238 -12.25 -7.38 -2.79
CA MET A 238 -12.25 -7.39 -2.79
C MET A 238 -12.63 -8.79 -2.33
N THR A 239 -11.94 -9.31 -1.31
CA THR A 239 -12.35 -10.60 -0.75
C THR A 239 -13.79 -10.57 -0.27
N LEU A 240 -14.22 -9.47 0.32
CA LEU A 240 -15.62 -9.35 0.76
C LEU A 240 -16.58 -9.18 -0.42
N GLY A 241 -16.09 -9.00 -1.64
CA GLY A 241 -16.97 -8.78 -2.75
C GLY A 241 -17.57 -7.40 -2.84
N LYS A 242 -17.02 -6.43 -2.10
CA LYS A 242 -17.60 -5.11 -2.05
C LYS A 242 -17.18 -4.24 -3.23
N THR A 243 -16.07 -4.58 -3.87
CA THR A 243 -15.53 -3.79 -4.98
C THR A 243 -14.61 -4.68 -5.80
N THR A 244 -14.03 -4.09 -6.84
CA THR A 244 -13.24 -4.80 -7.83
C THR A 244 -11.94 -4.02 -8.02
N ALA A 245 -10.98 -4.61 -8.74
CA ALA A 245 -9.72 -3.90 -8.95
C ALA A 245 -9.93 -2.58 -9.68
N ALA A 246 -10.84 -2.57 -10.66
CA ALA A 246 -11.04 -1.37 -11.44
C ALA A 246 -11.69 -0.25 -10.63
N SER A 247 -12.45 -0.58 -9.61
CA SER A 247 -13.23 0.43 -8.90
CA SER A 247 -13.24 0.41 -8.90
C SER A 247 -12.85 0.58 -7.45
N ALA A 248 -11.83 -0.13 -6.96
CA ALA A 248 -11.54 -0.12 -5.54
C ALA A 248 -11.09 1.25 -5.04
N CYS A 249 -10.28 1.98 -5.82
CA CYS A 249 -9.86 3.31 -5.35
C CYS A 249 -11.07 4.21 -5.17
N ARG A 250 -11.96 4.24 -6.16
CA ARG A 250 -13.17 5.04 -6.07
C ARG A 250 -14.05 4.59 -4.91
N TYR A 251 -14.15 3.28 -4.70
CA TYR A 251 -14.96 2.76 -3.60
C TYR A 251 -14.38 3.17 -2.25
N ILE A 252 -13.06 3.08 -2.13
CA ILE A 252 -12.39 3.51 -0.91
C ILE A 252 -12.62 4.99 -0.67
N ALA A 253 -12.51 5.81 -1.71
CA ALA A 253 -12.83 7.23 -1.57
C ALA A 253 -14.30 7.45 -1.17
N ASP A 254 -15.22 6.69 -1.79
CA ASP A 254 -16.66 6.85 -1.53
C ASP A 254 -16.99 6.55 -0.08
N THR A 255 -16.30 5.57 0.50
CA THR A 255 -16.61 5.05 1.82
C THR A 255 -15.66 5.58 2.89
N ALA A 256 -14.76 6.48 2.54
CA ALA A 256 -13.76 7.00 3.45
C ALA A 256 -14.39 7.84 4.55
N ASN A 257 -13.65 7.99 5.65
CA ASN A 257 -13.96 9.05 6.60
C ASN A 257 -13.68 10.39 5.93
N LYS A 258 -14.69 11.26 5.93
CA LYS A 258 -14.64 12.51 5.20
C LYS A 258 -14.55 13.69 6.16
N GLY A 259 -13.64 14.61 5.87
CA GLY A 259 -13.55 15.83 6.65
C GLY A 259 -12.89 15.70 8.01
N ASP A 260 -12.16 14.60 8.26
CA ASP A 260 -11.58 14.36 9.57
C ASP A 260 -10.16 14.89 9.70
N LEU A 261 -9.49 15.16 8.61
CA LEU A 261 -8.09 15.49 8.65
C LEU A 261 -7.88 17.00 8.71
N SER A 262 -6.81 17.41 9.37
CA SER A 262 -6.40 18.80 9.43
C SER A 262 -5.16 19.06 8.58
N ASN A 263 -4.92 20.33 8.30
CA ASN A 263 -3.85 20.82 7.41
C ASN A 263 -3.88 20.16 6.04
N ILE A 264 -5.09 20.00 5.52
CA ILE A 264 -5.30 19.58 4.14
C ILE A 264 -5.39 20.83 3.28
N PRO A 265 -4.47 21.04 2.33
CA PRO A 265 -4.52 22.24 1.50
C PRO A 265 -5.79 22.29 0.68
N PHE A 266 -6.25 23.51 0.45
CA PHE A 266 -7.40 23.74 -0.39
C PHE A 266 -7.18 23.03 -1.72
N GLY A 267 -8.13 22.22 -2.13
CA GLY A 267 -8.03 21.50 -3.39
C GLY A 267 -7.53 20.07 -3.27
N THR A 268 -7.13 19.63 -2.09
CA THR A 268 -6.75 18.23 -1.85
C THR A 268 -7.92 17.56 -1.13
N VAL A 269 -8.20 16.30 -1.48
CA VAL A 269 -9.30 15.59 -0.83
C VAL A 269 -9.04 15.43 0.66
N ASN A 270 -10.12 15.47 1.44
CA ASN A 270 -10.07 15.22 2.87
C ASN A 270 -10.77 13.90 3.13
N LEU A 271 -10.06 12.81 2.80
CA LEU A 271 -10.62 11.46 2.78
C LEU A 271 -9.60 10.53 3.40
N LEU A 272 -10.00 9.79 4.43
CA LEU A 272 -9.13 8.89 5.18
C LEU A 272 -9.66 7.47 5.04
N ALA A 273 -8.80 6.56 4.58
CA ALA A 273 -9.20 5.19 4.30
C ALA A 273 -9.88 4.56 5.52
N TYR A 274 -10.99 3.87 5.25
CA TYR A 274 -11.86 3.34 6.29
C TYR A 274 -12.55 2.07 5.79
N ASN A 275 -12.50 1.01 6.60
CA ASN A 275 -13.05 -0.27 6.15
C ASN A 275 -14.56 -0.39 6.37
N ASN A 276 -15.17 0.54 7.07
CA ASN A 276 -16.61 0.50 7.34
C ASN A 276 -17.05 -0.86 7.86
N TYR A 277 -16.22 -1.50 8.68
CA TYR A 277 -16.58 -2.79 9.23
C TYR A 277 -17.45 -2.57 10.45
N GLN A 278 -18.60 -3.20 10.48
CA GLN A 278 -19.42 -3.12 11.69
C GLN A 278 -19.35 -4.48 12.39
N ALA A 279 -18.70 -4.51 13.55
CA ALA A 279 -18.55 -5.74 14.32
C ALA A 279 -19.92 -6.21 14.80
O40 WNI B . 4.54 7.48 20.12
O41 WNI B . 6.85 9.05 19.49
O42 WNI B . 9.08 8.13 17.79
O43 WNI B . 5.53 9.62 21.73
O44 WNI B . 9.22 10.20 19.94
O45 WNI B . 9.46 10.80 17.43
O46 WNI B . 3.26 9.89 20.33
O47 WNI B . 3.84 11.66 22.16
O48 WNI B . 5.91 11.17 24.05
O49 WNI B . 7.57 11.26 21.73
O50 WNI B . 10.38 11.73 21.85
O51 WNI B . 9.96 12.64 19.21
O52 WNI B . 10.68 13.13 16.51
O53 WNI B . 7.92 12.77 16.11
O54 WNI B . 6.55 13.83 13.86
O55 WNI B . 4.27 13.47 15.52
O56 WNI B . 1.55 13.12 16.23
O57 WNI B . 2.60 11.98 18.61
O58 WNI B . 1.31 11.80 21.06
O59 WNI B . 5.18 11.50 19.96
O60 WNI B . 7.51 11.83 18.86
O61 WNI B . 5.32 12.32 17.44
O62 WNI B . 6.00 13.86 19.31
O63 WNI B . 6.02 13.17 22.16
O64 WNI B . 8.32 13.60 21.09
O65 WNI B . 8.54 14.40 17.92
O66 WNI B . 6.39 14.78 16.53
O67 WNI B . 3.42 14.35 17.91
O68 WNI B . 3.28 13.59 20.41
O69 WNI B . 5.17 15.40 21.11
O70 WNI B . 7.35 15.64 22.76
O71 WNI B . 7.46 15.86 19.94
O72 WNI B . 7.82 17.03 17.44
O73 WNI B . 5.35 16.15 18.56
O74 WNI B . 2.83 16.27 19.77
O75 WNI B . 4.40 9.56 18.35
O76 WNI B . 7.15 9.96 17.11
O77 WNI B . 5.89 11.53 15.02
O78 WNI B . 3.29 11.18 16.26
P2 WNI B . 6.01 12.34 18.89
W12 WNI B . 4.96 9.08 19.85
W13 WNI B . 8.22 9.58 18.27
W14 WNI B . 5.77 11.33 22.33
W15 WNI B . 9.10 11.86 20.73
W16 WNI B . 9.27 12.75 17.40
W17 WNI B . 6.15 13.16 15.40
W18 WNI B . 3.09 12.65 16.84
W19 WNI B . 2.88 11.79 20.49
W20 WNI B . 6.90 14.75 21.36
W21 WNI B . 7.09 15.61 18.03
W22 WNI B . 4.01 15.15 19.50
NI1 WNI B . 5.17 10.16 16.47
O40 WNI C . 10.21 -16.44 -1.63
O41 WNI C . 12.92 -17.07 -2.15
O42 WNI C . 14.48 -15.93 -4.28
O43 WNI C . 11.38 -18.91 -1.05
O44 WNI C . 14.92 -18.51 -3.16
O45 WNI C . 16.62 -16.60 -2.63
O46 WNI C . 10.79 -17.28 0.90
O47 WNI C . 11.33 -19.74 1.48
O48 WNI C . 11.41 -21.68 -0.64
O49 WNI C . 13.59 -19.89 -1.49
O50 WNI C . 15.61 -21.22 -3.18
O51 WNI C . 17.20 -19.13 -2.08
O52 WNI C . 19.25 -17.18 -1.86
O53 WNI C . 17.48 -15.95 -0.10
O54 WNI C . 18.34 -14.14 1.91
O55 WNI C . 15.86 -14.83 3.09
O56 WNI C . 13.55 -14.63 4.71
O57 WNI C . 12.46 -16.46 2.85
O58 WNI C . 10.35 -18.15 3.54
O59 WNI C . 13.16 -18.09 0.60
O60 WNI C . 15.33 -17.85 -0.72
O61 WNI C . 14.88 -16.22 1.23
O62 WNI C . 15.39 -18.73 1.70
O63 WNI C . 13.65 -20.97 0.91
O64 WNI C . 15.84 -20.74 -0.36
O65 WNI C . 17.98 -18.43 0.37
O66 WNI C . 17.44 -16.80 2.36
O67 WNI C . 14.77 -17.07 3.99
O68 WNI C . 12.99 -18.92 3.39
O69 WNI C . 14.98 -20.74 3.17
O70 WNI C . 15.69 -22.83 1.51
O71 WNI C . 17.24 -20.50 1.89
O72 WNI C . 19.34 -18.86 2.82
O73 WNI C . 16.75 -18.88 3.85
O74 WNI C . 14.63 -19.30 5.65
O75 WNI C . 12.22 -15.48 -0.12
O76 WNI C . 14.65 -15.23 -1.67
O77 WNI C . 15.98 -13.89 0.64
O78 WNI C . 13.52 -14.17 2.15
P2 WNI C . 14.70 -17.71 0.69
W12 WNI C . 11.59 -16.88 -0.80
W13 WNI C . 14.67 -16.52 -2.68
W14 WNI C . 12.29 -20.26 -0.15
W15 WNI C . 15.46 -19.91 -2.06
W16 WNI C . 17.69 -17.44 -1.23
W17 WNI C . 16.92 -15.04 1.51
W18 WNI C . 14.00 -15.35 3.22
W19 WNI C . 11.62 -18.10 2.43
W20 WNI C . 15.52 -21.14 1.44
W21 WNI C . 17.77 -18.66 2.25
W22 WNI C . 14.83 -18.94 4.02
NI1 WNI C . 14.02 -14.39 0.09
S SO4 D . 1.56 2.81 18.07
O1 SO4 D . 0.44 3.59 18.61
O2 SO4 D . 1.11 1.92 17.03
O3 SO4 D . 2.53 3.76 17.47
O4 SO4 D . 2.20 2.16 19.20
#